data_7VZO
#
_entry.id   7VZO
#
_cell.length_a   51.604
_cell.length_b   70.723
_cell.length_c   59.012
_cell.angle_alpha   90.000
_cell.angle_beta   113.190
_cell.angle_gamma   90.000
#
_symmetry.space_group_name_H-M   'P 1 21 1'
#
loop_
_entity.id
_entity.type
_entity.pdbx_description
1 polymer 'Filamin C'
2 non-polymer 1,2-ETHANEDIOL
3 non-polymer 'ACETATE ION'
4 water water
#
_entity_poly.entity_id   1
_entity_poly.type   'polypeptide(L)'
_entity_poly.pdbx_seq_one_letter_code
;GTNRQTERIKRQREAVPLTEVGSQCRLTFKLPGISPFDLGATVTSPGGVTEAAEIGEVEDGLYGVNFVPKELGVHTVSVK
YQEMHIPGSPFQFTVGPLKDGGAHRVHAGGPGLERGEQGMPNEFNVWTREAGAGSLAISVEGPSKAEIDFKDRKDGSCYV
SYVVAEPGEYRVGIKFNDKHIPDSPYKVYITPSLGE
;
_entity_poly.pdbx_strand_id   A,B
#
loop_
_chem_comp.id
_chem_comp.type
_chem_comp.name
_chem_comp.formula
ACT non-polymer 'ACETATE ION' 'C2 H3 O2 -1'
EDO non-polymer 1,2-ETHANEDIOL 'C2 H6 O2'
#
# COMPACT_ATOMS: atom_id res chain seq x y z
N ASN A 3 5.80 -27.44 8.81
CA ASN A 3 6.21 -26.20 9.55
C ASN A 3 5.01 -25.26 9.69
N ARG A 4 5.10 -24.31 10.63
CA ARG A 4 4.13 -23.18 10.76
C ARG A 4 4.90 -21.87 10.94
N GLN A 5 4.92 -21.07 9.88
CA GLN A 5 5.51 -19.71 9.88
C GLN A 5 4.39 -18.74 9.54
N THR A 6 4.46 -17.54 10.10
CA THR A 6 3.36 -16.56 10.02
C THR A 6 3.97 -15.23 9.62
N GLU A 7 3.33 -14.52 8.71
CA GLU A 7 3.71 -13.15 8.34
C GLU A 7 2.45 -12.31 8.54
N ARG A 8 2.57 -11.16 9.17
CA ARG A 8 1.39 -10.32 9.52
C ARG A 8 1.67 -8.88 9.14
N ILE A 9 0.65 -8.18 8.63
CA ILE A 9 0.73 -6.71 8.46
C ILE A 9 -0.57 -6.14 9.03
N LYS A 10 -0.54 -4.87 9.34
CA LYS A 10 -1.80 -4.17 9.75
C LYS A 10 -1.73 -2.75 9.21
N ARG A 11 -2.89 -2.14 9.04
CA ARG A 11 -2.95 -0.70 8.80
C ARG A 11 -4.12 -0.11 9.60
N GLN A 12 -3.96 1.13 9.98
CA GLN A 12 -5.02 1.93 10.60
C GLN A 12 -5.39 3.11 9.71
N ARG A 13 -6.69 3.35 9.60
CA ARG A 13 -7.25 4.45 8.81
C ARG A 13 -8.57 4.88 9.44
N GLU A 14 -8.82 6.17 9.41
CA GLU A 14 -10.13 6.71 9.81
C GLU A 14 -11.21 6.35 8.79
N ALA A 15 -12.48 6.55 9.17
CA ALA A 15 -13.60 6.27 8.27
C ALA A 15 -13.43 7.08 6.99
N VAL A 16 -13.96 6.57 5.90
CA VAL A 16 -13.98 7.32 4.63
C VAL A 16 -14.87 8.54 4.83
N PRO A 17 -14.55 9.66 4.17
CA PRO A 17 -15.34 10.88 4.31
C PRO A 17 -16.80 10.63 3.93
N LEU A 18 -17.69 11.37 4.61
CA LEU A 18 -19.15 11.27 4.44
C LEU A 18 -19.49 11.40 2.96
N THR A 19 -20.37 10.52 2.50
CA THR A 19 -20.92 10.53 1.13
C THR A 19 -22.21 11.36 1.15
N GLU A 20 -22.20 12.51 0.50
CA GLU A 20 -23.38 13.39 0.43
C GLU A 20 -24.34 12.90 -0.66
N VAL A 21 -25.62 13.11 -0.47
CA VAL A 21 -26.60 12.75 -1.51
C VAL A 21 -26.27 13.58 -2.74
N GLY A 22 -26.32 12.98 -3.93
CA GLY A 22 -26.11 13.71 -5.20
C GLY A 22 -24.65 13.88 -5.61
N SER A 23 -23.72 13.28 -4.87
CA SER A 23 -22.27 13.39 -5.18
C SER A 23 -21.86 12.27 -6.13
N GLN A 24 -20.75 12.49 -6.83
CA GLN A 24 -20.11 11.49 -7.72
C GLN A 24 -19.45 10.42 -6.84
N CYS A 25 -19.87 9.16 -6.97
CA CYS A 25 -19.33 8.03 -6.20
C CYS A 25 -18.64 7.04 -7.12
N ARG A 26 -17.78 6.21 -6.54
CA ARG A 26 -17.05 5.17 -7.33
C ARG A 26 -16.77 3.96 -6.44
N LEU A 27 -17.05 2.76 -6.97
CA LEU A 27 -16.64 1.48 -6.37
C LEU A 27 -15.51 0.95 -7.25
N THR A 28 -14.34 0.69 -6.71
CA THR A 28 -13.21 0.21 -7.53
C THR A 28 -12.97 -1.25 -7.23
N PHE A 29 -12.48 -1.95 -8.23
CA PHE A 29 -12.13 -3.39 -8.13
C PHE A 29 -11.06 -3.71 -9.15
N LYS A 30 -10.11 -4.54 -8.70
CA LYS A 30 -9.16 -5.20 -9.61
C LYS A 30 -9.81 -6.54 -9.91
N LEU A 31 -9.47 -7.11 -11.05
CA LEU A 31 -10.08 -8.33 -11.59
C LEU A 31 -8.99 -9.37 -11.84
N PRO A 32 -8.20 -9.78 -10.82
CA PRO A 32 -7.25 -10.90 -10.97
C PRO A 32 -8.01 -12.15 -11.47
N GLY A 33 -7.74 -12.53 -12.72
CA GLY A 33 -8.25 -13.77 -13.35
C GLY A 33 -9.65 -13.64 -13.94
N ILE A 34 -10.15 -12.42 -14.15
CA ILE A 34 -11.49 -12.18 -14.75
C ILE A 34 -11.38 -11.13 -15.84
N SER A 35 -12.01 -11.40 -16.98
CA SER A 35 -12.04 -10.44 -18.13
C SER A 35 -13.05 -9.33 -17.85
N PRO A 36 -12.65 -8.04 -17.96
CA PRO A 36 -13.55 -6.92 -17.71
C PRO A 36 -14.66 -6.66 -18.75
N PHE A 37 -14.57 -7.31 -19.90
CA PHE A 37 -15.15 -6.79 -21.18
C PHE A 37 -16.68 -6.91 -21.16
N ASP A 38 -17.21 -8.02 -20.65
CA ASP A 38 -18.65 -8.40 -20.67
C ASP A 38 -19.32 -8.34 -19.28
N LEU A 39 -18.74 -7.63 -18.30
CA LEU A 39 -19.37 -7.43 -16.97
C LEU A 39 -20.47 -6.37 -17.06
N GLY A 40 -21.48 -6.48 -16.21
CA GLY A 40 -22.58 -5.50 -16.08
C GLY A 40 -22.62 -5.01 -14.67
N ALA A 41 -22.78 -3.70 -14.47
CA ALA A 41 -22.94 -3.12 -13.12
C ALA A 41 -24.34 -2.53 -12.95
N THR A 42 -24.91 -2.73 -11.77
CA THR A 42 -26.20 -2.15 -11.39
C THR A 42 -26.04 -1.50 -10.03
N VAL A 43 -26.77 -0.43 -9.80
CA VAL A 43 -26.91 0.13 -8.43
C VAL A 43 -28.37 0.01 -8.01
N THR A 44 -28.60 -0.50 -6.82
CA THR A 44 -29.98 -0.60 -6.24
C THR A 44 -30.07 0.41 -5.12
N SER A 45 -31.11 1.23 -5.14
CA SER A 45 -31.36 2.24 -4.10
C SER A 45 -31.91 1.56 -2.85
N PRO A 46 -31.92 2.23 -1.68
CA PRO A 46 -32.53 1.67 -0.48
C PRO A 46 -34.02 1.29 -0.66
N GLY A 47 -34.72 1.90 -1.62
CA GLY A 47 -36.12 1.57 -1.98
C GLY A 47 -36.22 0.39 -2.94
N GLY A 48 -35.11 -0.20 -3.38
CA GLY A 48 -35.13 -1.39 -4.26
C GLY A 48 -35.16 -1.07 -5.75
N VAL A 49 -34.95 0.19 -6.12
CA VAL A 49 -34.89 0.61 -7.55
C VAL A 49 -33.46 0.43 -8.07
N THR A 50 -33.33 -0.25 -9.22
CA THR A 50 -32.05 -0.69 -9.79
C THR A 50 -31.83 0.09 -11.08
N GLU A 51 -30.68 0.75 -11.22
CA GLU A 51 -30.26 1.43 -12.46
C GLU A 51 -28.95 0.81 -12.92
N ALA A 52 -28.75 0.72 -14.23
CA ALA A 52 -27.47 0.31 -14.82
C ALA A 52 -26.46 1.42 -14.53
N ALA A 53 -25.20 1.04 -14.31
CA ALA A 53 -24.08 1.99 -14.04
C ALA A 53 -22.94 1.59 -14.95
N GLU A 54 -22.11 2.53 -15.38
CA GLU A 54 -21.03 2.18 -16.33
C GLU A 54 -19.80 1.77 -15.51
N ILE A 55 -19.02 0.88 -16.12
CA ILE A 55 -17.74 0.34 -15.63
C ILE A 55 -16.67 0.99 -16.50
N GLY A 56 -15.75 1.73 -15.88
CA GLY A 56 -14.59 2.32 -16.57
C GLY A 56 -13.27 1.77 -16.05
N GLU A 57 -12.21 1.85 -16.87
CA GLU A 57 -10.82 1.64 -16.41
C GLU A 57 -10.36 2.95 -15.73
N VAL A 58 -9.84 2.87 -14.51
CA VAL A 58 -9.49 4.01 -13.61
C VAL A 58 -8.00 4.26 -13.72
N GLU A 59 -7.25 3.17 -13.69
CA GLU A 59 -5.81 3.13 -14.05
C GLU A 59 -5.61 1.76 -14.71
N ASP A 60 -4.38 1.44 -15.13
CA ASP A 60 -4.08 0.09 -15.66
C ASP A 60 -4.45 -0.92 -14.58
N GLY A 61 -5.37 -1.82 -14.94
CA GLY A 61 -5.74 -2.99 -14.13
C GLY A 61 -6.80 -2.67 -13.09
N LEU A 62 -7.08 -1.39 -12.81
CA LEU A 62 -8.11 -0.99 -11.80
C LEU A 62 -9.38 -0.57 -12.55
N TYR A 63 -10.53 -1.15 -12.24
CA TYR A 63 -11.83 -0.76 -12.83
C TYR A 63 -12.71 -0.10 -11.77
N GLY A 64 -13.66 0.68 -12.23
CA GLY A 64 -14.55 1.43 -11.33
C GLY A 64 -15.97 1.49 -11.85
N VAL A 65 -16.93 1.45 -10.92
CA VAL A 65 -18.37 1.66 -11.17
C VAL A 65 -18.62 3.09 -10.74
N ASN A 66 -19.04 3.95 -11.67
CA ASN A 66 -19.31 5.38 -11.39
C ASN A 66 -20.82 5.49 -11.24
N PHE A 67 -21.30 6.10 -10.14
CA PHE A 67 -22.76 6.29 -9.94
C PHE A 67 -22.98 7.51 -9.04
N VAL A 68 -24.22 7.98 -9.08
CA VAL A 68 -24.63 9.18 -8.30
C VAL A 68 -25.89 8.83 -7.52
N PRO A 69 -25.78 8.68 -6.19
CA PRO A 69 -26.96 8.34 -5.37
C PRO A 69 -27.92 9.53 -5.20
N LYS A 70 -29.22 9.23 -5.08
CA LYS A 70 -30.29 10.27 -5.08
C LYS A 70 -31.01 10.27 -3.73
N GLU A 71 -30.62 9.42 -2.78
CA GLU A 71 -31.27 9.40 -1.46
C GLU A 71 -30.29 8.88 -0.43
N LEU A 72 -30.65 9.10 0.82
CA LEU A 72 -29.83 8.57 1.93
C LEU A 72 -30.05 7.08 2.05
N GLY A 73 -29.04 6.41 2.61
CA GLY A 73 -29.12 5.04 3.11
C GLY A 73 -28.20 4.10 2.33
N VAL A 74 -28.39 2.81 2.59
CA VAL A 74 -27.47 1.74 2.10
C VAL A 74 -27.87 1.34 0.68
N HIS A 75 -27.04 1.62 -0.29
CA HIS A 75 -27.19 1.23 -1.72
C HIS A 75 -26.44 -0.09 -1.95
N THR A 76 -26.88 -0.88 -2.90
CA THR A 76 -26.14 -2.10 -3.29
C THR A 76 -25.52 -1.86 -4.67
N VAL A 77 -24.29 -2.28 -4.88
CA VAL A 77 -23.68 -2.17 -6.22
C VAL A 77 -23.32 -3.58 -6.65
N SER A 78 -23.89 -4.05 -7.74
CA SER A 78 -23.70 -5.43 -8.24
C SER A 78 -22.83 -5.35 -9.48
N VAL A 79 -21.82 -6.22 -9.57
CA VAL A 79 -21.00 -6.36 -10.79
C VAL A 79 -21.04 -7.85 -11.17
N LYS A 80 -21.66 -8.15 -12.31
CA LYS A 80 -22.06 -9.53 -12.64
C LYS A 80 -21.70 -9.89 -14.08
N TYR A 81 -21.51 -11.18 -14.31
CA TYR A 81 -21.57 -11.81 -15.67
C TYR A 81 -22.73 -12.80 -15.64
N GLN A 82 -23.84 -12.55 -16.34
CA GLN A 82 -25.08 -13.36 -16.20
C GLN A 82 -25.44 -13.51 -14.71
N GLU A 83 -25.61 -14.73 -14.19
CA GLU A 83 -26.01 -14.92 -12.77
C GLU A 83 -24.78 -14.95 -11.86
N MET A 84 -23.56 -14.70 -12.35
CA MET A 84 -22.33 -14.78 -11.56
C MET A 84 -21.99 -13.39 -10.99
N HIS A 85 -21.63 -13.31 -9.73
CA HIS A 85 -21.07 -12.06 -9.16
C HIS A 85 -19.55 -12.09 -9.30
N ILE A 86 -18.88 -10.95 -9.49
CA ILE A 86 -17.44 -10.91 -9.24
C ILE A 86 -17.20 -11.09 -7.74
N PRO A 87 -16.01 -11.58 -7.34
CA PRO A 87 -15.67 -11.71 -5.93
C PRO A 87 -15.86 -10.38 -5.18
N GLY A 88 -16.62 -10.42 -4.07
CA GLY A 88 -16.93 -9.19 -3.32
C GLY A 88 -18.34 -8.68 -3.62
N SER A 89 -18.86 -8.93 -4.82
CA SER A 89 -20.20 -8.45 -5.23
C SER A 89 -21.27 -9.36 -4.64
N PRO A 90 -22.47 -8.86 -4.26
CA PRO A 90 -22.81 -7.43 -4.28
C PRO A 90 -22.22 -6.59 -3.14
N PHE A 91 -21.77 -5.38 -3.47
CA PHE A 91 -21.13 -4.45 -2.53
C PHE A 91 -22.22 -3.59 -1.89
N GLN A 92 -21.98 -3.12 -0.67
CA GLN A 92 -22.87 -2.13 -0.02
C GLN A 92 -22.20 -0.78 0.01
N PHE A 93 -23.03 0.26 -0.09
CA PHE A 93 -22.50 1.62 -0.18
C PHE A 93 -23.43 2.56 0.57
N THR A 94 -23.02 3.02 1.73
CA THR A 94 -23.86 3.91 2.57
C THR A 94 -23.72 5.34 2.07
N VAL A 95 -24.86 6.00 1.91
CA VAL A 95 -24.96 7.44 1.59
C VAL A 95 -25.48 8.13 2.86
N GLY A 96 -24.85 9.23 3.26
CA GLY A 96 -25.05 9.78 4.61
C GLY A 96 -24.23 9.01 5.61
N PRO A 97 -24.39 9.33 6.91
CA PRO A 97 -23.51 8.78 7.93
C PRO A 97 -23.64 7.24 8.02
N LEU A 98 -22.52 6.56 8.32
CA LEU A 98 -22.51 5.12 8.58
C LEU A 98 -23.44 4.81 9.75
N LYS A 99 -24.27 3.77 9.61
CA LYS A 99 -25.26 3.36 10.65
C LYS A 99 -24.85 2.01 11.24
N ASP A 100 -23.68 1.51 10.82
CA ASP A 100 -23.15 0.22 11.29
C ASP A 100 -21.64 0.28 11.03
N GLY A 101 -20.90 -0.67 11.52
CA GLY A 101 -19.48 -0.75 11.23
C GLY A 101 -18.93 -2.06 11.77
N GLY A 102 -17.63 -2.26 11.61
CA GLY A 102 -16.98 -3.43 12.18
C GLY A 102 -16.76 -4.50 11.14
N ALA A 103 -16.08 -5.57 11.54
CA ALA A 103 -15.60 -6.63 10.64
C ALA A 103 -16.73 -7.25 9.79
N HIS A 104 -17.97 -7.36 10.31
CA HIS A 104 -19.04 -8.05 9.57
C HIS A 104 -19.38 -7.27 8.29
N ARG A 105 -18.94 -6.02 8.17
CA ARG A 105 -19.25 -5.14 7.02
C ARG A 105 -18.16 -5.23 5.95
N VAL A 106 -17.06 -5.92 6.22
CA VAL A 106 -15.92 -6.00 5.29
C VAL A 106 -16.19 -7.07 4.23
N HIS A 107 -15.89 -6.76 2.95
CA HIS A 107 -15.86 -7.76 1.86
C HIS A 107 -14.41 -8.00 1.43
N ALA A 108 -14.16 -9.17 0.88
CA ALA A 108 -12.81 -9.53 0.35
C ALA A 108 -13.02 -10.52 -0.77
N GLY A 109 -12.05 -10.59 -1.67
CA GLY A 109 -12.16 -11.54 -2.78
C GLY A 109 -10.93 -11.55 -3.66
N GLY A 110 -10.68 -12.72 -4.20
CA GLY A 110 -9.67 -12.87 -5.23
C GLY A 110 -8.94 -14.18 -5.08
N PRO A 111 -8.21 -14.52 -6.13
CA PRO A 111 -7.66 -15.87 -6.20
C PRO A 111 -6.68 -16.17 -5.06
N GLY A 112 -5.96 -15.18 -4.52
CA GLY A 112 -5.07 -15.45 -3.37
C GLY A 112 -5.80 -15.85 -2.09
N LEU A 113 -7.13 -15.84 -2.07
CA LEU A 113 -7.88 -16.40 -0.93
C LEU A 113 -8.40 -17.81 -1.27
N GLU A 114 -7.91 -18.42 -2.34
CA GLU A 114 -8.38 -19.79 -2.74
C GLU A 114 -7.23 -20.70 -3.18
N ARG A 115 -6.44 -20.30 -4.17
CA ARG A 115 -5.40 -21.19 -4.71
C ARG A 115 -4.34 -20.37 -5.40
N GLY A 116 -3.10 -20.83 -5.34
CA GLY A 116 -2.00 -20.18 -6.05
C GLY A 116 -0.90 -21.17 -6.34
N GLU A 117 0.23 -20.62 -6.76
CA GLU A 117 1.44 -21.39 -7.19
C GLU A 117 2.65 -20.92 -6.39
N GLN A 118 3.52 -21.84 -6.01
CA GLN A 118 4.80 -21.57 -5.32
C GLN A 118 5.57 -20.47 -6.08
N GLY A 119 5.98 -19.41 -5.37
CA GLY A 119 6.86 -18.36 -5.90
C GLY A 119 6.16 -17.36 -6.81
N MET A 120 4.85 -17.46 -6.99
CA MET A 120 4.10 -16.55 -7.86
C MET A 120 3.24 -15.65 -6.97
N PRO A 121 2.93 -14.43 -7.43
CA PRO A 121 2.04 -13.54 -6.69
C PRO A 121 0.62 -14.11 -6.50
N ASN A 122 0.10 -14.01 -5.28
CA ASN A 122 -1.28 -14.38 -4.88
C ASN A 122 -1.98 -13.08 -4.47
N GLU A 123 -3.05 -12.72 -5.16
CA GLU A 123 -3.63 -11.36 -5.05
C GLU A 123 -5.09 -11.44 -4.59
N PHE A 124 -5.50 -10.45 -3.80
CA PHE A 124 -6.92 -10.26 -3.41
C PHE A 124 -7.16 -8.82 -2.97
N ASN A 125 -8.42 -8.47 -3.04
CA ASN A 125 -8.99 -7.14 -2.72
C ASN A 125 -9.67 -7.26 -1.35
N VAL A 126 -9.61 -6.18 -0.57
CA VAL A 126 -10.43 -6.02 0.68
C VAL A 126 -11.15 -4.68 0.61
N TRP A 127 -12.44 -4.60 0.92
CA TRP A 127 -13.23 -3.35 0.87
C TRP A 127 -13.73 -3.07 2.30
N THR A 128 -13.28 -2.01 2.92
CA THR A 128 -13.57 -1.68 4.33
C THR A 128 -14.40 -0.42 4.43
N ARG A 129 -14.88 0.20 3.35
CA ARG A 129 -15.58 1.51 3.53
C ARG A 129 -16.76 1.41 4.51
N GLU A 130 -17.50 0.30 4.53
CA GLU A 130 -18.73 0.18 5.35
C GLU A 130 -18.39 -0.20 6.78
N ALA A 131 -17.13 -0.54 7.08
CA ALA A 131 -16.67 -0.97 8.42
C ALA A 131 -16.37 0.23 9.30
N GLY A 132 -16.14 1.38 8.69
CA GLY A 132 -15.75 2.63 9.37
C GLY A 132 -14.30 2.58 9.85
N ALA A 133 -13.95 3.39 10.85
CA ALA A 133 -12.54 3.59 11.28
C ALA A 133 -12.01 2.30 11.88
N GLY A 134 -10.74 1.98 11.61
CA GLY A 134 -10.08 0.94 12.40
C GLY A 134 -8.92 0.28 11.74
N SER A 135 -8.59 -0.88 12.29
CA SER A 135 -7.36 -1.63 11.96
C SER A 135 -7.74 -2.78 11.06
N LEU A 136 -7.11 -2.87 9.90
CA LEU A 136 -7.24 -4.02 8.99
C LEU A 136 -5.94 -4.79 9.15
N ALA A 137 -6.04 -6.04 9.54
CA ALA A 137 -4.90 -6.94 9.75
C ALA A 137 -4.97 -8.12 8.78
N ILE A 138 -3.85 -8.46 8.18
CA ILE A 138 -3.75 -9.61 7.27
C ILE A 138 -2.67 -10.54 7.78
N SER A 139 -2.94 -11.82 7.85
CA SER A 139 -1.88 -12.78 8.23
C SER A 139 -1.88 -13.94 7.26
N VAL A 140 -0.68 -14.45 6.98
CA VAL A 140 -0.51 -15.63 6.12
C VAL A 140 0.29 -16.64 6.94
N GLU A 141 -0.26 -17.84 7.14
CA GLU A 141 0.42 -18.89 7.95
C GLU A 141 0.51 -20.17 7.13
N GLY A 142 1.67 -20.82 7.16
CA GLY A 142 1.82 -22.09 6.46
C GLY A 142 3.27 -22.52 6.48
N PRO A 143 3.61 -23.47 5.59
CA PRO A 143 4.96 -24.06 5.60
C PRO A 143 6.09 -23.15 5.13
N SER A 144 5.86 -21.90 4.75
CA SER A 144 6.95 -20.93 4.51
C SER A 144 6.52 -19.52 4.95
N LYS A 145 7.46 -18.60 5.15
CA LYS A 145 7.13 -17.23 5.62
C LYS A 145 6.78 -16.40 4.40
N ALA A 146 5.54 -15.96 4.27
CA ALA A 146 5.10 -15.17 3.10
C ALA A 146 5.83 -13.83 3.08
N GLU A 147 5.96 -13.28 1.88
CA GLU A 147 6.35 -11.89 1.58
C GLU A 147 5.05 -11.19 1.21
N ILE A 148 4.74 -10.09 1.86
CA ILE A 148 3.41 -9.44 1.66
C ILE A 148 3.61 -7.98 1.25
N ASP A 149 2.98 -7.58 0.16
CA ASP A 149 2.90 -6.16 -0.23
C ASP A 149 1.43 -5.75 -0.18
N PHE A 150 1.14 -4.50 0.07
CA PHE A 150 -0.27 -4.07 0.01
C PHE A 150 -0.38 -2.63 -0.40
N LYS A 151 -1.47 -2.30 -1.08
CA LYS A 151 -1.77 -0.90 -1.46
C LYS A 151 -3.10 -0.52 -0.81
N ASP A 152 -3.06 0.47 0.05
CA ASP A 152 -4.22 0.87 0.88
C ASP A 152 -4.69 2.24 0.38
N ARG A 153 -5.95 2.34 -0.02
CA ARG A 153 -6.48 3.52 -0.73
C ARG A 153 -7.44 4.33 0.13
N LYS A 154 -7.61 5.57 -0.27
CA LYS A 154 -8.49 6.57 0.41
C LYS A 154 -9.96 6.10 0.43
N ASP A 155 -10.36 5.21 -0.47
CA ASP A 155 -11.76 4.73 -0.58
C ASP A 155 -12.00 3.55 0.34
N GLY A 156 -11.04 3.18 1.17
CA GLY A 156 -11.15 2.10 2.14
C GLY A 156 -10.85 0.73 1.53
N SER A 157 -10.46 0.68 0.28
CA SER A 157 -10.06 -0.60 -0.34
C SER A 157 -8.55 -0.82 -0.14
N CYS A 158 -8.17 -2.08 -0.07
CA CYS A 158 -6.77 -2.51 0.14
C CYS A 158 -6.52 -3.70 -0.77
N TYR A 159 -5.50 -3.64 -1.61
CA TYR A 159 -5.15 -4.72 -2.54
C TYR A 159 -3.87 -5.34 -2.04
N VAL A 160 -3.89 -6.65 -1.86
CA VAL A 160 -2.80 -7.44 -1.24
C VAL A 160 -2.20 -8.36 -2.30
N SER A 161 -0.90 -8.53 -2.24
CA SER A 161 -0.15 -9.47 -3.08
C SER A 161 0.85 -10.16 -2.17
N TYR A 162 0.82 -11.49 -2.11
CA TYR A 162 1.77 -12.21 -1.22
C TYR A 162 2.43 -13.32 -2.04
N VAL A 163 3.63 -13.70 -1.65
CA VAL A 163 4.37 -14.80 -2.33
C VAL A 163 4.82 -15.74 -1.23
N VAL A 164 4.73 -17.03 -1.50
CA VAL A 164 5.26 -18.06 -0.58
C VAL A 164 6.24 -18.95 -1.35
N ALA A 165 7.26 -19.43 -0.63
CA ALA A 165 8.36 -20.22 -1.23
C ALA A 165 7.95 -21.67 -1.44
N GLU A 166 7.11 -22.23 -0.59
CA GLU A 166 6.82 -23.69 -0.55
C GLU A 166 5.35 -23.93 -0.85
N PRO A 167 5.05 -25.06 -1.52
CA PRO A 167 3.69 -25.47 -1.77
C PRO A 167 3.12 -25.94 -0.42
N GLY A 168 1.81 -26.02 -0.35
CA GLY A 168 1.15 -26.57 0.82
C GLY A 168 -0.17 -25.88 1.12
N GLU A 169 -0.64 -26.14 2.33
CA GLU A 169 -1.88 -25.57 2.87
C GLU A 169 -1.50 -24.35 3.69
N TYR A 170 -2.10 -23.22 3.34
CA TYR A 170 -1.89 -21.92 4.01
C TYR A 170 -3.24 -21.45 4.55
N ARG A 171 -3.14 -20.62 5.58
CA ARG A 171 -4.28 -19.92 6.23
C ARG A 171 -4.06 -18.43 6.03
N VAL A 172 -5.04 -17.75 5.46
CA VAL A 172 -5.01 -16.28 5.29
C VAL A 172 -6.13 -15.71 6.19
N GLY A 173 -5.71 -14.93 7.18
CA GLY A 173 -6.60 -14.27 8.13
C GLY A 173 -6.79 -12.84 7.72
N ILE A 174 -8.03 -12.39 7.71
CA ILE A 174 -8.34 -10.97 7.50
C ILE A 174 -9.20 -10.57 8.72
N LYS A 175 -8.68 -9.64 9.50
CA LYS A 175 -9.37 -9.15 10.73
C LYS A 175 -9.53 -7.66 10.65
N PHE A 176 -10.67 -7.18 11.17
CA PHE A 176 -10.92 -5.74 11.26
C PHE A 176 -11.22 -5.43 12.71
N ASN A 177 -10.44 -4.54 13.28
CA ASN A 177 -10.51 -4.25 14.75
C ASN A 177 -10.49 -5.57 15.53
N ASP A 178 -9.61 -6.47 15.15
CA ASP A 178 -9.23 -7.71 15.86
C ASP A 178 -10.34 -8.76 15.77
N LYS A 179 -11.25 -8.68 14.79
CA LYS A 179 -12.32 -9.69 14.60
C LYS A 179 -12.23 -10.18 13.16
N HIS A 180 -12.32 -11.49 12.99
CA HIS A 180 -12.40 -12.05 11.62
C HIS A 180 -13.56 -11.43 10.85
N ILE A 181 -13.31 -11.11 9.56
CA ILE A 181 -14.36 -10.73 8.63
C ILE A 181 -15.14 -12.02 8.31
N PRO A 182 -16.34 -11.93 7.72
CA PRO A 182 -17.22 -13.10 7.70
C PRO A 182 -16.58 -14.42 7.19
N ASP A 183 -15.85 -14.44 6.09
CA ASP A 183 -15.29 -15.73 5.55
C ASP A 183 -13.86 -16.03 6.00
N SER A 184 -13.28 -15.21 6.89
CA SER A 184 -11.92 -15.42 7.42
C SER A 184 -11.99 -16.34 8.63
N PRO A 185 -11.01 -17.22 8.84
CA PRO A 185 -9.87 -17.36 7.94
C PRO A 185 -10.13 -18.20 6.69
N TYR A 186 -9.32 -17.96 5.67
CA TYR A 186 -9.40 -18.61 4.34
C TYR A 186 -8.35 -19.71 4.27
N LYS A 187 -8.79 -20.88 3.83
CA LYS A 187 -7.87 -22.01 3.55
C LYS A 187 -7.43 -21.89 2.10
N VAL A 188 -6.13 -21.88 1.89
CA VAL A 188 -5.51 -21.61 0.57
C VAL A 188 -4.54 -22.72 0.24
N TYR A 189 -4.68 -23.36 -0.90
CA TYR A 189 -3.70 -24.38 -1.34
C TYR A 189 -2.78 -23.70 -2.34
N ILE A 190 -1.49 -23.88 -2.13
CA ILE A 190 -0.42 -23.43 -3.03
C ILE A 190 0.21 -24.66 -3.71
N THR A 191 0.17 -24.67 -5.03
CA THR A 191 0.63 -25.82 -5.85
C THR A 191 2.12 -25.71 -6.10
N PRO A 192 2.81 -26.86 -6.37
CA PRO A 192 4.19 -26.83 -6.87
C PRO A 192 4.33 -26.14 -8.24
N SER A 193 5.49 -25.57 -8.55
CA SER A 193 5.88 -25.14 -9.93
C SER A 193 5.75 -26.31 -10.91
N ASN B 3 -8.11 27.53 9.37
CA ASN B 3 -8.48 26.09 9.21
C ASN B 3 -7.23 25.24 9.45
N ARG B 4 -7.32 24.22 10.32
CA ARG B 4 -6.21 23.24 10.54
C ARG B 4 -6.82 21.83 10.58
N GLN B 5 -6.49 21.00 9.59
CA GLN B 5 -7.04 19.63 9.47
C GLN B 5 -5.87 18.66 9.40
N THR B 6 -5.97 17.51 10.06
CA THR B 6 -4.93 16.45 9.98
C THR B 6 -5.55 15.17 9.45
N GLU B 7 -4.86 14.54 8.50
CA GLU B 7 -5.21 13.19 8.05
C GLU B 7 -3.99 12.32 8.35
N ARG B 8 -4.22 11.10 8.83
CA ARG B 8 -3.12 10.20 9.29
C ARG B 8 -3.47 8.77 8.90
N ILE B 9 -2.46 8.02 8.46
CA ILE B 9 -2.55 6.56 8.32
C ILE B 9 -1.38 5.96 9.07
N LYS B 10 -1.51 4.70 9.39
CA LYS B 10 -0.41 3.97 10.03
C LYS B 10 -0.33 2.58 9.44
N ARG B 11 0.86 1.99 9.44
CA ARG B 11 0.98 0.57 9.13
C ARG B 11 1.95 -0.05 10.13
N GLN B 12 1.76 -1.32 10.44
CA GLN B 12 2.68 -2.10 11.25
C GLN B 12 3.18 -3.29 10.43
N ARG B 13 4.45 -3.57 10.56
CA ARG B 13 5.08 -4.66 9.80
C ARG B 13 6.22 -5.20 10.67
N GLU B 14 6.46 -6.48 10.53
CA GLU B 14 7.61 -7.14 11.19
C GLU B 14 8.91 -6.68 10.51
N ALA B 15 10.05 -6.93 11.14
CA ALA B 15 11.36 -6.58 10.56
C ALA B 15 11.50 -7.28 9.20
N VAL B 16 12.23 -6.65 8.29
CA VAL B 16 12.57 -7.34 7.03
C VAL B 16 13.39 -8.57 7.40
N PRO B 17 13.20 -9.70 6.72
CA PRO B 17 13.96 -10.90 7.01
C PRO B 17 15.47 -10.67 6.92
N LEU B 18 16.20 -11.50 7.66
CA LEU B 18 17.67 -11.41 7.80
C LEU B 18 18.27 -11.30 6.41
N THR B 19 19.09 -10.27 6.24
CA THR B 19 19.92 -10.11 5.04
C THR B 19 21.20 -10.93 5.24
N GLU B 20 21.42 -11.92 4.40
CA GLU B 20 22.57 -12.84 4.61
C GLU B 20 23.64 -12.55 3.58
N VAL B 21 24.86 -12.89 3.93
CA VAL B 21 25.98 -12.83 2.96
C VAL B 21 25.63 -13.69 1.74
N GLY B 22 25.93 -13.18 0.54
CA GLY B 22 25.65 -13.91 -0.70
C GLY B 22 24.19 -13.88 -1.15
N SER B 23 23.28 -13.16 -0.48
CA SER B 23 21.86 -12.98 -0.86
C SER B 23 21.77 -11.86 -1.89
N GLN B 24 20.70 -11.86 -2.69
CA GLN B 24 20.38 -10.75 -3.62
C GLN B 24 19.71 -9.64 -2.81
N CYS B 25 20.33 -8.48 -2.76
CA CYS B 25 19.78 -7.30 -2.08
C CYS B 25 19.40 -6.26 -3.10
N ARG B 26 18.38 -5.49 -2.78
CA ARG B 26 17.87 -4.47 -3.72
C ARG B 26 17.44 -3.22 -2.97
N LEU B 27 17.90 -2.06 -3.41
CA LEU B 27 17.36 -0.74 -3.03
C LEU B 27 16.41 -0.30 -4.12
N THR B 28 15.14 -0.06 -3.81
CA THR B 28 14.15 0.39 -4.81
C THR B 28 13.89 1.87 -4.67
N PHE B 29 13.82 2.60 -5.79
CA PHE B 29 13.63 4.06 -5.76
C PHE B 29 12.86 4.51 -7.01
N LYS B 30 12.33 5.71 -6.94
CA LYS B 30 11.69 6.43 -8.08
C LYS B 30 12.74 7.32 -8.76
N LEU B 31 12.75 7.37 -10.09
CA LEU B 31 13.72 8.23 -10.80
C LEU B 31 13.49 9.69 -10.41
N PRO B 32 14.60 10.45 -10.22
CA PRO B 32 14.52 11.88 -9.90
C PRO B 32 14.45 12.81 -11.12
N GLY B 33 13.64 12.45 -12.10
CA GLY B 33 13.51 13.17 -13.38
C GLY B 33 14.73 13.00 -14.26
N ILE B 34 15.51 11.93 -14.09
CA ILE B 34 16.82 11.70 -14.76
C ILE B 34 16.78 10.29 -15.34
N SER B 35 17.23 10.09 -16.56
CA SER B 35 17.37 8.72 -17.12
C SER B 35 18.12 7.80 -16.15
N PRO B 36 17.71 6.53 -16.01
CA PRO B 36 18.51 5.54 -15.27
C PRO B 36 19.91 5.31 -15.87
N PHE B 37 20.07 5.51 -17.20
CA PHE B 37 21.40 5.46 -17.84
C PHE B 37 22.33 6.57 -17.35
N ASP B 38 21.79 7.65 -16.79
CA ASP B 38 22.64 8.80 -16.40
C ASP B 38 22.98 8.76 -14.91
N LEU B 39 22.36 7.89 -14.13
CA LEU B 39 22.66 7.73 -12.70
C LEU B 39 23.79 6.72 -12.52
N GLY B 40 24.48 6.85 -11.41
CA GLY B 40 25.56 5.96 -10.98
C GLY B 40 25.18 5.41 -9.62
N ALA B 41 25.12 4.10 -9.46
CA ALA B 41 24.92 3.52 -8.10
C ALA B 41 26.22 2.91 -7.65
N THR B 42 26.50 2.99 -6.38
CA THR B 42 27.69 2.33 -5.80
C THR B 42 27.30 1.64 -4.50
N VAL B 43 28.03 0.59 -4.15
CA VAL B 43 27.89 -0.06 -2.82
C VAL B 43 29.23 0.04 -2.14
N THR B 44 29.26 0.56 -0.91
CA THR B 44 30.45 0.64 -0.08
C THR B 44 30.36 -0.41 1.03
N SER B 45 31.37 -1.25 1.11
CA SER B 45 31.45 -2.29 2.14
C SER B 45 31.73 -1.67 3.51
N PRO B 46 31.55 -2.44 4.59
CA PRO B 46 31.95 -1.97 5.92
C PRO B 46 33.42 -1.53 6.05
N GLY B 47 34.30 -2.04 5.17
CA GLY B 47 35.73 -1.66 5.08
C GLY B 47 35.98 -0.43 4.19
N GLY B 48 34.98 0.11 3.49
CA GLY B 48 35.18 1.34 2.71
C GLY B 48 35.51 1.04 1.27
N VAL B 49 35.48 -0.24 0.87
CA VAL B 49 35.64 -0.60 -0.57
C VAL B 49 34.35 -0.33 -1.35
N THR B 50 34.45 0.41 -2.43
CA THR B 50 33.28 0.82 -3.24
C THR B 50 33.29 0.01 -4.54
N GLU B 51 32.13 -0.51 -4.94
CA GLU B 51 31.91 -1.21 -6.23
C GLU B 51 30.71 -0.57 -6.93
N ALA B 52 30.79 -0.43 -8.25
CA ALA B 52 29.66 0.07 -9.05
C ALA B 52 28.58 -1.01 -9.04
N ALA B 53 27.31 -0.61 -8.98
CA ALA B 53 26.21 -1.57 -8.92
C ALA B 53 25.26 -1.23 -10.05
N GLU B 54 24.55 -2.25 -10.53
CA GLU B 54 23.65 -2.10 -11.69
C GLU B 54 22.35 -1.44 -11.22
N ILE B 55 21.76 -0.60 -12.06
CA ILE B 55 20.40 -0.04 -11.90
C ILE B 55 19.52 -0.71 -12.96
N GLY B 56 18.36 -1.18 -12.55
CA GLY B 56 17.41 -1.81 -13.47
C GLY B 56 15.96 -1.48 -13.14
N GLU B 57 15.09 -1.53 -14.15
CA GLU B 57 13.66 -1.31 -13.88
C GLU B 57 13.08 -2.46 -13.08
N VAL B 58 12.24 -2.13 -12.11
CA VAL B 58 11.54 -3.16 -11.30
C VAL B 58 10.06 -2.72 -11.29
N GLU B 59 9.21 -3.46 -10.60
CA GLU B 59 7.74 -3.25 -10.73
C GLU B 59 7.26 -1.82 -10.48
N ASP B 60 6.06 -1.49 -10.98
CA ASP B 60 5.40 -0.21 -10.62
C ASP B 60 6.12 1.04 -11.12
N GLY B 61 6.87 0.91 -12.20
CA GLY B 61 7.64 2.03 -12.78
C GLY B 61 8.83 2.45 -11.89
N LEU B 62 9.16 1.68 -10.88
CA LEU B 62 10.30 2.00 -9.97
C LEU B 62 11.57 1.35 -10.52
N TYR B 63 12.71 1.77 -9.99
CA TYR B 63 14.02 1.19 -10.34
C TYR B 63 14.64 0.58 -9.10
N GLY B 64 15.63 -0.27 -9.34
CA GLY B 64 16.33 -0.95 -8.24
C GLY B 64 17.82 -0.96 -8.47
N VAL B 65 18.53 -0.98 -7.37
CA VAL B 65 19.99 -1.22 -7.30
C VAL B 65 20.12 -2.62 -6.74
N ASN B 66 20.74 -3.51 -7.50
CA ASN B 66 20.91 -4.92 -7.10
C ASN B 66 22.37 -5.09 -6.66
N PHE B 67 22.63 -5.75 -5.53
CA PHE B 67 24.00 -6.12 -5.15
C PHE B 67 23.99 -7.39 -4.29
N VAL B 68 25.16 -7.99 -4.17
CA VAL B 68 25.36 -9.22 -3.36
C VAL B 68 26.44 -8.92 -2.32
N PRO B 69 26.08 -8.83 -1.03
CA PRO B 69 27.08 -8.56 -0.01
C PRO B 69 27.99 -9.79 0.21
N LYS B 70 29.25 -9.51 0.51
CA LYS B 70 30.31 -10.53 0.72
C LYS B 70 30.70 -10.64 2.18
N GLU B 71 30.20 -9.76 3.07
CA GLU B 71 30.59 -9.78 4.50
C GLU B 71 29.47 -9.20 5.35
N LEU B 72 29.52 -9.49 6.65
CA LEU B 72 28.60 -8.89 7.65
C LEU B 72 28.86 -7.40 7.77
N GLY B 73 27.85 -6.67 8.18
CA GLY B 73 28.00 -5.28 8.63
C GLY B 73 27.22 -4.31 7.78
N VAL B 74 27.34 -3.05 8.11
CA VAL B 74 26.53 -2.00 7.45
C VAL B 74 27.19 -1.60 6.15
N HIS B 75 26.51 -1.83 5.05
CA HIS B 75 26.93 -1.42 3.68
C HIS B 75 26.19 -0.12 3.36
N THR B 76 26.76 0.70 2.50
CA THR B 76 26.10 1.96 2.06
C THR B 76 25.83 1.81 0.57
N VAL B 77 24.65 2.21 0.13
CA VAL B 77 24.27 2.21 -1.29
C VAL B 77 24.02 3.68 -1.66
N SER B 78 24.81 4.21 -2.59
CA SER B 78 24.60 5.60 -3.04
C SER B 78 24.03 5.57 -4.44
N VAL B 79 23.08 6.47 -4.76
CA VAL B 79 22.57 6.65 -6.14
C VAL B 79 22.73 8.14 -6.48
N LYS B 80 23.58 8.45 -7.45
CA LYS B 80 24.09 9.84 -7.66
C LYS B 80 24.02 10.22 -9.14
N TYR B 81 23.94 11.53 -9.37
CA TYR B 81 24.22 12.19 -10.68
C TYR B 81 25.36 13.17 -10.43
N GLN B 82 26.56 12.92 -10.97
CA GLN B 82 27.77 13.69 -10.58
C GLN B 82 27.90 13.64 -9.05
N GLU B 83 28.08 14.77 -8.35
CA GLU B 83 28.23 14.65 -6.87
C GLU B 83 26.90 15.04 -6.18
N MET B 84 25.78 14.80 -6.83
CA MET B 84 24.46 14.98 -6.18
C MET B 84 23.85 13.62 -5.87
N HIS B 85 23.27 13.47 -4.67
CA HIS B 85 22.53 12.24 -4.25
C HIS B 85 21.07 12.37 -4.65
N ILE B 86 20.41 11.27 -5.02
CA ILE B 86 18.94 11.24 -5.12
C ILE B 86 18.37 11.39 -3.71
N PRO B 87 17.09 11.81 -3.61
CA PRO B 87 16.40 11.88 -2.33
C PRO B 87 16.48 10.56 -1.56
N GLY B 88 16.96 10.62 -0.31
CA GLY B 88 17.16 9.45 0.56
C GLY B 88 18.56 8.87 0.52
N SER B 89 19.36 9.17 -0.52
CA SER B 89 20.72 8.62 -0.65
C SER B 89 21.73 9.46 0.17
N PRO B 90 22.77 8.86 0.78
CA PRO B 90 23.03 7.43 0.72
C PRO B 90 22.20 6.57 1.71
N PHE B 91 21.88 5.36 1.28
CA PHE B 91 21.05 4.35 1.98
C PHE B 91 21.96 3.39 2.75
N GLN B 92 21.49 2.89 3.89
CA GLN B 92 22.27 1.89 4.62
C GLN B 92 21.58 0.53 4.58
N PHE B 93 22.38 -0.54 4.54
CA PHE B 93 21.88 -1.91 4.44
C PHE B 93 22.70 -2.76 5.38
N THR B 94 22.11 -3.19 6.48
CA THR B 94 22.78 -4.09 7.44
C THR B 94 22.77 -5.50 6.86
N VAL B 95 23.93 -6.15 6.89
CA VAL B 95 24.01 -7.56 6.51
C VAL B 95 24.33 -8.31 7.81
N GLY B 96 23.61 -9.39 8.07
CA GLY B 96 23.56 -9.99 9.40
C GLY B 96 22.41 -9.38 10.19
N PRO B 97 22.26 -9.74 11.46
CA PRO B 97 21.17 -9.20 12.25
C PRO B 97 21.23 -7.68 12.41
N LEU B 98 20.08 -7.03 12.50
CA LEU B 98 20.06 -5.60 12.87
C LEU B 98 20.70 -5.41 14.26
N LYS B 99 21.52 -4.38 14.38
CA LYS B 99 22.24 -3.97 15.61
C LYS B 99 21.70 -2.65 16.12
N ASP B 100 20.67 -2.11 15.48
CA ASP B 100 20.13 -0.78 15.85
C ASP B 100 18.68 -0.83 15.35
N GLY B 101 17.94 0.21 15.60
CA GLY B 101 16.58 0.27 15.08
C GLY B 101 15.98 1.59 15.43
N GLY B 102 14.73 1.76 15.09
CA GLY B 102 13.98 2.97 15.49
C GLY B 102 13.98 4.04 14.43
N ALA B 103 13.30 5.13 14.75
CA ALA B 103 13.03 6.23 13.83
C ALA B 103 14.32 6.83 13.25
N HIS B 104 15.44 6.85 14.00
CA HIS B 104 16.65 7.56 13.56
C HIS B 104 17.27 6.83 12.36
N ARG B 105 16.85 5.60 12.14
CA ARG B 105 17.35 4.77 11.02
C ARG B 105 16.48 4.91 9.76
N VAL B 106 15.35 5.63 9.79
CA VAL B 106 14.42 5.75 8.62
C VAL B 106 14.87 6.88 7.69
N HIS B 107 14.87 6.65 6.38
CA HIS B 107 15.07 7.70 5.36
C HIS B 107 13.75 7.93 4.62
N ALA B 108 13.62 9.11 4.05
CA ALA B 108 12.46 9.49 3.24
C ALA B 108 12.87 10.49 2.19
N GLY B 109 12.11 10.54 1.09
CA GLY B 109 12.37 11.56 0.08
C GLY B 109 11.39 11.56 -1.05
N GLY B 110 11.28 12.73 -1.65
CA GLY B 110 10.48 12.90 -2.85
C GLY B 110 9.81 14.26 -2.86
N PRO B 111 9.23 14.60 -4.02
CA PRO B 111 8.64 15.94 -4.21
C PRO B 111 7.50 16.26 -3.25
N GLY B 112 6.74 15.25 -2.81
CA GLY B 112 5.65 15.47 -1.83
C GLY B 112 6.12 15.90 -0.44
N LEU B 113 7.43 15.92 -0.18
CA LEU B 113 8.04 16.40 1.07
C LEU B 113 8.71 17.78 0.85
N GLU B 114 8.45 18.40 -0.29
CA GLU B 114 9.02 19.73 -0.64
C GLU B 114 7.93 20.67 -1.19
N ARG B 115 7.28 20.31 -2.27
CA ARG B 115 6.34 21.25 -2.97
C ARG B 115 5.39 20.47 -3.85
N GLY B 116 4.15 20.96 -4.00
CA GLY B 116 3.19 20.32 -4.90
C GLY B 116 2.14 21.35 -5.30
N GLU B 117 1.10 20.86 -5.95
CA GLU B 117 -0.01 21.65 -6.55
C GLU B 117 -1.35 21.17 -6.00
N GLN B 118 -2.25 22.12 -5.74
CA GLN B 118 -3.65 21.90 -5.33
C GLN B 118 -4.26 20.84 -6.27
N GLY B 119 -4.84 19.81 -5.71
CA GLY B 119 -5.61 18.77 -6.42
C GLY B 119 -4.78 17.77 -7.19
N MET B 120 -3.45 17.82 -7.10
CA MET B 120 -2.57 16.93 -7.86
C MET B 120 -1.87 15.98 -6.88
N PRO B 121 -1.49 14.79 -7.31
CA PRO B 121 -0.82 13.85 -6.42
C PRO B 121 0.55 14.40 -5.98
N ASN B 122 0.87 14.24 -4.70
CA ASN B 122 2.14 14.61 -4.04
C ASN B 122 2.76 13.29 -3.55
N GLU B 123 3.94 12.93 -4.06
CA GLU B 123 4.49 11.56 -3.88
C GLU B 123 5.81 11.59 -3.14
N PHE B 124 6.04 10.59 -2.32
CA PHE B 124 7.36 10.38 -1.68
C PHE B 124 7.49 8.95 -1.23
N ASN B 125 8.74 8.58 -0.96
CA ASN B 125 9.07 7.21 -0.48
C ASN B 125 9.64 7.30 0.93
N VAL B 126 9.48 6.19 1.64
CA VAL B 126 10.05 6.00 3.00
C VAL B 126 10.75 4.66 2.99
N TRP B 127 11.96 4.60 3.56
CA TRP B 127 12.74 3.36 3.65
C TRP B 127 12.96 3.01 5.10
N THR B 128 12.35 1.93 5.57
CA THR B 128 12.35 1.57 7.01
C THR B 128 13.13 0.29 7.29
N ARG B 129 13.78 -0.35 6.31
CA ARG B 129 14.41 -1.67 6.57
C ARG B 129 15.37 -1.62 7.75
N GLU B 130 16.07 -0.51 8.01
CA GLU B 130 17.10 -0.44 9.08
C GLU B 130 16.43 -0.16 10.44
N ALA B 131 15.17 0.22 10.45
CA ALA B 131 14.44 0.60 11.69
C ALA B 131 13.96 -0.64 12.43
N GLY B 132 13.81 -1.79 11.75
CA GLY B 132 13.28 -3.03 12.32
C GLY B 132 11.75 -3.01 12.40
N ALA B 133 11.19 -3.94 13.18
CA ALA B 133 9.72 -4.08 13.35
C ALA B 133 9.12 -2.79 13.90
N GLY B 134 7.97 -2.35 13.39
CA GLY B 134 7.30 -1.25 14.05
C GLY B 134 6.17 -0.64 13.26
N SER B 135 5.74 0.48 13.79
CA SER B 135 4.62 1.26 13.27
C SER B 135 5.18 2.46 12.52
N LEU B 136 4.77 2.63 11.26
CA LEU B 136 5.09 3.83 10.47
C LEU B 136 3.80 4.65 10.38
N ALA B 137 3.83 5.89 10.85
CA ALA B 137 2.68 6.81 10.82
C ALA B 137 3.01 7.93 9.84
N ILE B 138 2.07 8.23 8.98
CA ILE B 138 2.18 9.34 8.00
C ILE B 138 1.02 10.30 8.26
N SER B 139 1.31 11.57 8.50
CA SER B 139 0.24 12.58 8.72
C SER B 139 0.46 13.76 7.79
N VAL B 140 -0.64 14.39 7.39
CA VAL B 140 -0.64 15.61 6.58
C VAL B 140 -1.55 16.61 7.30
N GLU B 141 -0.97 17.75 7.67
CA GLU B 141 -1.71 18.79 8.43
C GLU B 141 -1.67 20.08 7.63
N GLY B 142 -2.81 20.74 7.47
CA GLY B 142 -2.84 22.00 6.72
C GLY B 142 -4.26 22.50 6.55
N PRO B 143 -4.46 23.44 5.62
CA PRO B 143 -5.77 24.11 5.45
C PRO B 143 -6.90 23.28 4.84
N SER B 144 -6.61 22.06 4.37
CA SER B 144 -7.63 21.10 3.91
C SER B 144 -7.25 19.69 4.37
N LYS B 145 -8.22 18.78 4.36
CA LYS B 145 -7.99 17.39 4.82
C LYS B 145 -7.45 16.60 3.64
N ALA B 146 -6.23 16.09 3.74
CA ALA B 146 -5.61 15.31 2.66
C ALA B 146 -6.37 13.98 2.43
N GLU B 147 -6.29 13.48 1.21
CA GLU B 147 -6.62 12.08 0.87
C GLU B 147 -5.27 11.37 0.70
N ILE B 148 -5.10 10.20 1.27
CA ILE B 148 -3.77 9.54 1.33
C ILE B 148 -3.92 8.10 0.85
N ASP B 149 -3.10 7.71 -0.12
CA ASP B 149 -2.93 6.31 -0.57
C ASP B 149 -1.51 5.89 -0.24
N PHE B 150 -1.29 4.62 0.01
CA PHE B 150 0.12 4.17 0.17
C PHE B 150 0.27 2.74 -0.28
N LYS B 151 1.47 2.44 -0.73
CA LYS B 151 1.86 1.06 -1.04
C LYS B 151 3.03 0.69 -0.12
N ASP B 152 2.80 -0.32 0.70
CA ASP B 152 3.76 -0.80 1.69
C ASP B 152 4.35 -2.12 1.23
N ARG B 153 5.67 -2.19 1.09
CA ARG B 153 6.34 -3.34 0.42
C ARG B 153 7.14 -4.18 1.40
N LYS B 154 7.37 -5.42 0.95
CA LYS B 154 8.12 -6.45 1.70
C LYS B 154 9.55 -5.97 1.99
N ASP B 155 10.10 -4.99 1.26
CA ASP B 155 11.50 -4.54 1.47
C ASP B 155 11.56 -3.44 2.54
N GLY B 156 10.42 -3.18 3.19
CA GLY B 156 10.34 -2.15 4.25
C GLY B 156 10.22 -0.73 3.71
N SER B 157 9.99 -0.56 2.43
CA SER B 157 9.72 0.78 1.84
C SER B 157 8.21 0.98 1.71
N CYS B 158 7.78 2.21 1.79
CA CYS B 158 6.35 2.60 1.73
C CYS B 158 6.29 3.84 0.85
N TYR B 159 5.52 3.76 -0.22
CA TYR B 159 5.42 4.83 -1.22
C TYR B 159 4.07 5.50 -1.01
N VAL B 160 4.09 6.79 -0.77
CA VAL B 160 2.88 7.55 -0.40
C VAL B 160 2.51 8.51 -1.53
N SER B 161 1.20 8.67 -1.73
CA SER B 161 0.62 9.67 -2.64
C SER B 161 -0.51 10.35 -1.85
N TYR B 162 -0.49 11.67 -1.74
CA TYR B 162 -1.56 12.42 -1.05
C TYR B 162 -1.99 13.61 -1.91
N VAL B 163 -3.27 13.97 -1.78
CA VAL B 163 -3.85 15.09 -2.56
C VAL B 163 -4.53 16.01 -1.56
N VAL B 164 -4.36 17.32 -1.72
CA VAL B 164 -5.06 18.32 -0.88
C VAL B 164 -5.89 19.23 -1.79
N ALA B 165 -6.99 19.70 -1.24
CA ALA B 165 -8.00 20.49 -2.00
C ALA B 165 -7.59 21.97 -2.01
N GLU B 166 -6.85 22.45 -1.01
CA GLU B 166 -6.52 23.90 -0.89
C GLU B 166 -5.02 24.16 -0.94
N PRO B 167 -4.59 25.27 -1.58
CA PRO B 167 -3.20 25.68 -1.53
C PRO B 167 -2.85 26.19 -0.14
N GLY B 168 -1.56 26.17 0.19
CA GLY B 168 -1.05 26.72 1.44
C GLY B 168 0.10 25.91 1.98
N GLU B 169 0.39 26.15 3.25
CA GLU B 169 1.53 25.55 3.97
C GLU B 169 1.01 24.32 4.72
N TYR B 170 1.59 23.18 4.39
CA TYR B 170 1.23 21.91 5.01
C TYR B 170 2.44 21.39 5.77
N ARG B 171 2.17 20.56 6.77
CA ARG B 171 3.18 19.81 7.54
C ARG B 171 2.98 18.32 7.18
N VAL B 172 4.03 17.63 6.76
CA VAL B 172 3.99 16.15 6.60
C VAL B 172 4.81 15.52 7.70
N GLY B 173 4.17 14.79 8.61
CA GLY B 173 4.78 14.04 9.71
C GLY B 173 5.06 12.60 9.29
N ILE B 174 6.29 12.16 9.57
CA ILE B 174 6.65 10.73 9.37
C ILE B 174 7.23 10.28 10.72
N LYS B 175 6.54 9.38 11.40
CA LYS B 175 6.97 8.87 12.71
C LYS B 175 7.11 7.36 12.66
N PHE B 176 8.12 6.85 13.35
CA PHE B 176 8.30 5.40 13.49
C PHE B 176 8.26 5.06 14.99
N ASN B 177 7.35 4.16 15.38
CA ASN B 177 7.03 3.88 16.81
C ASN B 177 6.89 5.20 17.57
N ASP B 178 6.17 6.14 16.97
CA ASP B 178 5.67 7.41 17.56
C ASP B 178 6.81 8.41 17.80
N LYS B 179 7.94 8.27 17.11
CA LYS B 179 9.02 9.28 17.15
C LYS B 179 9.23 9.80 15.72
N HIS B 180 9.36 11.11 15.55
CA HIS B 180 9.69 11.74 14.26
C HIS B 180 11.00 11.13 13.72
N ILE B 181 11.03 10.80 12.43
CA ILE B 181 12.30 10.43 11.75
C ILE B 181 13.13 11.73 11.61
N PRO B 182 14.42 11.64 11.28
CA PRO B 182 15.36 12.77 11.42
C PRO B 182 14.93 14.15 10.88
N ASP B 183 14.36 14.24 9.68
CA ASP B 183 13.94 15.52 9.07
C ASP B 183 12.42 15.78 9.18
N SER B 184 11.69 14.95 9.92
CA SER B 184 10.23 15.14 10.11
C SER B 184 10.05 16.08 11.31
N PRO B 185 9.02 16.95 11.31
CA PRO B 185 8.07 17.07 10.22
C PRO B 185 8.58 17.92 9.05
N TYR B 186 8.06 17.67 7.87
CA TYR B 186 8.48 18.36 6.62
C TYR B 186 7.53 19.51 6.36
N LYS B 187 8.07 20.69 6.04
CA LYS B 187 7.24 21.84 5.60
C LYS B 187 7.08 21.77 4.09
N VAL B 188 5.83 21.78 3.62
CA VAL B 188 5.48 21.58 2.21
C VAL B 188 4.57 22.73 1.76
N TYR B 189 4.95 23.43 0.69
CA TYR B 189 4.07 24.46 0.08
C TYR B 189 3.32 23.84 -1.09
N ILE B 190 1.99 23.99 -1.06
CA ILE B 190 1.09 23.53 -2.13
C ILE B 190 0.58 24.78 -2.83
N THR B 191 0.86 24.90 -4.10
CA THR B 191 0.53 26.07 -4.93
C THR B 191 -0.89 25.91 -5.47
N PRO B 192 -1.52 27.04 -5.85
CA PRO B 192 -2.80 27.03 -6.55
C PRO B 192 -2.73 26.33 -7.92
N SER B 193 -3.86 25.75 -8.32
CA SER B 193 -4.11 25.06 -9.62
C SER B 193 -3.32 25.74 -10.75
C1 EDO C . -11.50 3.04 5.94
O1 EDO C . -12.70 2.39 5.55
C2 EDO C . -11.12 2.73 7.32
O2 EDO C . -11.13 1.36 7.69
C1 EDO D . -18.29 -3.68 0.76
O1 EDO D . -19.66 -4.00 0.76
C2 EDO D . -17.97 -2.26 0.77
O2 EDO D . -18.40 -1.56 -0.39
C ACT E . -5.82 -15.78 11.97
O ACT E . -5.59 -14.62 12.06
OXT ACT E . -6.44 -16.42 12.83
CH3 ACT E . -5.43 -16.46 10.68
C1 EDO F . -12.07 -16.02 -3.04
O1 EDO F . -12.62 -14.77 -3.38
C2 EDO F . -12.37 -16.53 -1.67
O2 EDO F . -13.71 -16.30 -1.16
C1 EDO G . 4.20 -9.87 -3.09
O1 EDO G . 4.02 -9.98 -4.46
C2 EDO G . 5.58 -9.68 -2.68
O2 EDO G . 6.39 -9.31 -3.81
C1 EDO H . 0.75 5.52 -3.84
O1 EDO H . -0.42 5.63 -4.63
C2 EDO H . 1.33 4.16 -3.79
O2 EDO H . 1.44 3.48 -5.04
C1 EDO I . -4.94 6.50 11.84
O1 EDO I . -3.96 6.60 12.85
C2 EDO I . -6.26 6.88 12.32
O2 EDO I . -6.30 8.18 12.86
C1 EDO J . -0.21 -4.78 -4.06
O1 EDO J . 0.94 -5.43 -4.59
C2 EDO J . -0.91 -3.99 -5.10
O2 EDO J . -0.21 -2.89 -5.63
C1 EDO K . 17.45 2.24 4.50
O1 EDO K . 18.09 1.58 3.43
C2 EDO K . 17.77 3.67 4.58
O2 EDO K . 19.12 3.98 4.90
C1 EDO L . 9.89 -3.00 7.97
O1 EDO L . 11.23 -2.50 7.96
C2 EDO L . 9.30 -2.90 9.31
O2 EDO L . 9.12 -1.61 9.81
C1 EDO M . 17.51 -6.98 7.89
O1 EDO M . 17.31 -7.64 6.67
C2 EDO M . 18.89 -7.10 8.38
O2 EDO M . 19.35 -8.44 8.41
C1 EDO N . 12.47 16.07 -0.17
O1 EDO N . 13.00 14.81 -0.58
C2 EDO N . 12.57 16.43 1.28
O2 EDO N . 13.87 16.29 1.83
C1 EDO O . -5.12 9.75 -3.32
O1 EDO O . -5.65 9.10 -4.45
C2 EDO O . -3.69 10.11 -3.44
O2 EDO O . -3.16 10.42 -4.73
C ACT P . 16.20 -6.57 0.30
O ACT P . 16.32 -6.83 -0.87
OXT ACT P . 17.11 -6.30 0.98
CH3 ACT P . 14.84 -6.30 0.85
C1 EDO Q . 12.49 16.29 -3.82
O1 EDO Q . 12.25 15.57 -5.03
C2 EDO Q . 13.89 16.74 -3.73
O2 EDO Q . 14.18 17.56 -4.83
C1 EDO R . 1.53 16.30 11.28
O1 EDO R . 1.27 16.43 9.93
C2 EDO R . 2.70 17.10 11.57
O2 EDO R . 3.57 16.58 12.56
C1 EDO S . 29.78 1.70 4.52
O1 EDO S . 28.73 1.67 5.48
C2 EDO S . 31.08 1.65 5.20
O2 EDO S . 31.11 2.54 6.31
#